data_5G4S
#
_entry.id   5G4S
#
_cell.length_a   60.530
_cell.length_b   60.530
_cell.length_c   85.140
_cell.angle_alpha   90.00
_cell.angle_beta   90.00
_cell.angle_gamma   90.00
#
_symmetry.space_group_name_H-M   'P 43 21 2'
#
loop_
_entity.id
_entity.type
_entity.pdbx_description
1 polymer PEREGRIN
2 non-polymer N-[1,3-dimethyl-6-[(2R)-2-methylpiperazin-1-yl]-2-oxidanylidene-benzimidazol-5-yl]-N-ethyl-2-methoxy-benzamide
3 non-polymer 1,2-ETHANEDIOL
4 water water
#
_entity_poly.entity_id   1
_entity_poly.type   'polypeptide(L)'
_entity_poly.pdbx_seq_one_letter_code
;GQEIAMEMQLTPFLILLRKTLEQLQEKDTGNIFSEPVPLSEVPDYLDHIKKPMDFFTMKQNLEAYRYLNFDDFEEDFNLI
VSNCLKYNAKDTIFYRAAVRLREQGGAVLRQARRQAEK
;
_entity_poly.pdbx_strand_id   A
#
loop_
_chem_comp.id
_chem_comp.type
_chem_comp.name
_chem_comp.formula
8VI non-polymer N-[1,3-dimethyl-6-[(2R)-2-methylpiperazin-1-yl]-2-oxidanylidene-benzimidazol-5-yl]-N-ethyl-2-methoxy-benzamide 'C24 H31 N5 O3'
EDO non-polymer 1,2-ETHANEDIOL 'C2 H6 O2'
#
# COMPACT_ATOMS: atom_id res chain seq x y z
N GLU A 3 5.49 -22.08 14.10
CA GLU A 3 4.70 -21.85 12.86
C GLU A 3 5.60 -21.98 11.62
N ILE A 4 5.37 -23.02 10.83
CA ILE A 4 6.26 -23.39 9.73
C ILE A 4 5.63 -23.07 8.36
N ALA A 5 6.45 -22.55 7.43
CA ALA A 5 5.97 -21.90 6.20
C ALA A 5 5.23 -22.82 5.25
N MET A 6 5.81 -23.97 4.91
CA MET A 6 5.08 -24.99 4.12
C MET A 6 3.71 -25.40 4.72
N GLU A 7 3.53 -25.25 6.03
CA GLU A 7 2.24 -25.58 6.65
C GLU A 7 1.23 -24.43 6.75
N MET A 8 1.65 -23.21 6.40
CA MET A 8 0.79 -22.04 6.56
C MET A 8 -0.43 -22.04 5.64
N GLN A 9 -1.60 -21.78 6.22
CA GLN A 9 -2.85 -21.72 5.48
C GLN A 9 -3.14 -20.33 4.94
N LEU A 10 -3.77 -20.29 3.77
CA LEU A 10 -4.04 -19.03 3.07
C LEU A 10 -5.08 -18.17 3.81
N THR A 11 -6.19 -18.78 4.21
CA THR A 11 -7.32 -18.01 4.77
C THR A 11 -6.90 -17.11 5.96
N PRO A 12 -6.22 -17.66 6.99
CA PRO A 12 -5.74 -16.83 8.11
C PRO A 12 -4.81 -15.67 7.70
N PHE A 13 -3.89 -15.96 6.78
CA PHE A 13 -3.00 -14.95 6.24
C PHE A 13 -3.75 -13.83 5.52
N LEU A 14 -4.75 -14.17 4.70
CA LEU A 14 -5.57 -13.16 4.04
C LEU A 14 -6.45 -12.37 5.01
N ILE A 15 -6.97 -13.02 6.04
CA ILE A 15 -7.68 -12.28 7.10
C ILE A 15 -6.76 -11.22 7.72
N LEU A 16 -5.52 -11.61 7.99
CA LEU A 16 -4.52 -10.67 8.53
C LEU A 16 -4.25 -9.51 7.56
N LEU A 17 -4.02 -9.82 6.30
CA LEU A 17 -3.77 -8.76 5.30
C LEU A 17 -4.98 -7.86 5.09
N ARG A 18 -6.19 -8.42 5.11
CA ARG A 18 -7.39 -7.58 5.01
C ARG A 18 -7.47 -6.56 6.13
N LYS A 19 -7.22 -7.02 7.36
CA LYS A 19 -7.26 -6.14 8.53
C LYS A 19 -6.18 -5.07 8.41
N THR A 20 -4.97 -5.49 8.01
CA THR A 20 -3.84 -4.58 7.88
C THR A 20 -4.12 -3.52 6.81
N LEU A 21 -4.70 -3.93 5.68
CA LEU A 21 -5.01 -2.98 4.61
C LEU A 21 -6.07 -1.96 5.04
N GLU A 22 -7.10 -2.40 5.76
CA GLU A 22 -8.11 -1.51 6.34
C GLU A 22 -7.45 -0.45 7.23
N GLN A 23 -6.53 -0.88 8.08
CA GLN A 23 -5.81 0.04 8.98
C GLN A 23 -4.96 1.04 8.20
N LEU A 24 -4.30 0.59 7.15
CA LEU A 24 -3.48 1.49 6.31
C LEU A 24 -4.35 2.50 5.54
N GLN A 25 -5.42 2.01 4.92
CA GLN A 25 -6.28 2.85 4.10
C GLN A 25 -6.96 3.93 4.93
N GLU A 26 -7.27 3.61 6.19
CA GLU A 26 -7.89 4.55 7.14
C GLU A 26 -7.00 5.77 7.40
N LYS A 27 -5.70 5.62 7.19
CA LYS A 27 -4.76 6.73 7.35
C LYS A 27 -4.84 7.76 6.21
N ASP A 28 -5.48 7.39 5.09
CA ASP A 28 -5.65 8.30 3.97
C ASP A 28 -6.82 9.25 4.20
N THR A 29 -6.69 10.11 5.22
CA THR A 29 -7.78 11.01 5.59
C THR A 29 -8.03 12.10 4.54
N GLY A 30 -7.06 12.35 3.67
CA GLY A 30 -7.23 13.29 2.55
C GLY A 30 -7.79 12.72 1.25
N ASN A 31 -8.07 11.41 1.21
CA ASN A 31 -8.55 10.74 -0.01
C ASN A 31 -7.67 10.98 -1.24
N ILE A 32 -6.38 10.83 -1.05
CA ILE A 32 -5.37 11.06 -2.09
C ILE A 32 -4.92 9.73 -2.71
N PHE A 33 -4.97 8.66 -1.93
CA PHE A 33 -4.32 7.39 -2.28
C PHE A 33 -5.27 6.21 -2.47
N SER A 34 -6.58 6.46 -2.54
CA SER A 34 -7.55 5.37 -2.44
C SER A 34 -8.21 4.97 -3.76
N GLU A 35 -7.75 5.59 -4.84
CA GLU A 35 -8.06 5.15 -6.19
C GLU A 35 -6.88 5.48 -7.09
N PRO A 36 -6.79 4.81 -8.25
CA PRO A 36 -5.64 5.10 -9.12
C PRO A 36 -5.58 6.55 -9.55
N VAL A 37 -4.38 7.10 -9.62
CA VAL A 37 -4.17 8.41 -10.25
C VAL A 37 -4.66 8.31 -11.70
N PRO A 38 -5.66 9.12 -12.08
CA PRO A 38 -6.24 8.97 -13.40
C PRO A 38 -5.37 9.56 -14.50
N LEU A 39 -4.96 8.70 -15.43
CA LEU A 39 -4.01 9.07 -16.44
C LEU A 39 -4.63 10.09 -17.39
N SER A 40 -5.94 10.02 -17.57
CA SER A 40 -6.65 11.00 -18.40
C SER A 40 -6.56 12.44 -17.85
N GLU A 41 -6.48 12.59 -16.52
CA GLU A 41 -6.39 13.90 -15.88
C GLU A 41 -4.95 14.30 -15.51
N VAL A 42 -4.04 13.33 -15.51
CA VAL A 42 -2.61 13.58 -15.24
C VAL A 42 -1.81 12.93 -16.39
N PRO A 43 -1.80 13.58 -17.57
CA PRO A 43 -1.29 12.94 -18.79
C PRO A 43 0.19 12.56 -18.82
N ASP A 44 1.01 13.20 -17.99
CA ASP A 44 2.44 12.87 -17.91
C ASP A 44 2.77 11.88 -16.79
N TYR A 45 1.76 11.32 -16.14
CA TYR A 45 2.04 10.50 -14.95
C TYR A 45 2.89 9.27 -15.29
N LEU A 46 2.53 8.55 -16.35
CA LEU A 46 3.31 7.36 -16.73
C LEU A 46 4.68 7.68 -17.35
N ASP A 47 4.91 8.93 -17.74
CA ASP A 47 6.25 9.37 -18.14
C ASP A 47 7.22 9.35 -16.95
N HIS A 48 6.67 9.35 -15.74
CA HIS A 48 7.46 9.41 -14.49
C HIS A 48 7.34 8.21 -13.60
N ILE A 49 6.19 7.54 -13.63
CA ILE A 49 5.89 6.47 -12.68
C ILE A 49 5.67 5.17 -13.45
N LYS A 50 6.52 4.19 -13.19
CA LYS A 50 6.52 2.94 -13.93
C LYS A 50 5.43 1.98 -13.45
N LYS A 51 5.19 1.95 -12.14
CA LYS A 51 4.13 1.11 -11.59
C LYS A 51 3.25 1.89 -10.61
N PRO A 52 2.14 2.46 -11.11
CA PRO A 52 1.20 3.11 -10.19
C PRO A 52 0.64 2.16 -9.13
N MET A 53 0.26 2.69 -7.97
CA MET A 53 -0.39 1.89 -6.95
C MET A 53 -1.30 2.77 -6.11
N ASP A 54 -2.34 2.17 -5.54
CA ASP A 54 -3.32 2.84 -4.68
C ASP A 54 -4.03 1.77 -3.85
N PHE A 55 -4.77 2.19 -2.83
CA PHE A 55 -5.41 1.27 -1.90
C PHE A 55 -6.51 0.41 -2.52
N PHE A 56 -7.24 0.93 -3.51
CA PHE A 56 -8.28 0.14 -4.16
C PHE A 56 -7.64 -0.99 -4.97
N THR A 57 -6.58 -0.67 -5.71
CA THR A 57 -5.87 -1.69 -6.48
C THR A 57 -5.26 -2.74 -5.54
N MET A 58 -4.73 -2.30 -4.41
CA MET A 58 -4.23 -3.26 -3.41
C MET A 58 -5.34 -4.19 -2.96
N LYS A 59 -6.53 -3.66 -2.72
CA LYS A 59 -7.67 -4.48 -2.28
C LYS A 59 -7.99 -5.52 -3.34
N GLN A 60 -8.04 -5.10 -4.60
CA GLN A 60 -8.30 -6.04 -5.70
C GLN A 60 -7.26 -7.15 -5.77
N ASN A 61 -5.99 -6.76 -5.67
CA ASN A 61 -4.88 -7.69 -5.66
C ASN A 61 -4.99 -8.70 -4.51
N LEU A 62 -5.36 -8.20 -3.33
CA LEU A 62 -5.52 -9.04 -2.14
C LEU A 62 -6.58 -10.12 -2.40
N GLU A 63 -7.75 -9.67 -2.88
CA GLU A 63 -8.86 -10.59 -3.10
C GLU A 63 -8.67 -11.51 -4.30
N ALA A 64 -7.75 -11.15 -5.21
CA ALA A 64 -7.36 -12.00 -6.34
C ALA A 64 -6.21 -12.96 -6.02
N TYR A 65 -5.85 -13.05 -4.74
CA TYR A 65 -4.75 -13.92 -4.27
C TYR A 65 -3.39 -13.57 -4.87
N ARG A 66 -3.12 -12.27 -5.02
CA ARG A 66 -1.85 -11.76 -5.55
C ARG A 66 -0.78 -11.51 -4.47
N TYR A 67 -1.21 -11.39 -3.21
CA TYR A 67 -0.27 -11.22 -2.07
C TYR A 67 -0.25 -12.52 -1.27
N LEU A 68 0.84 -13.27 -1.42
CA LEU A 68 0.98 -14.55 -0.73
C LEU A 68 2.18 -14.55 0.24
N ASN A 69 2.77 -13.37 0.43
CA ASN A 69 3.77 -13.16 1.48
C ASN A 69 3.75 -11.69 1.86
N PHE A 70 4.33 -11.38 3.00
CA PHE A 70 4.24 -10.02 3.52
C PHE A 70 5.09 -9.04 2.72
N ASP A 71 6.22 -9.50 2.18
CA ASP A 71 7.09 -8.65 1.36
C ASP A 71 6.35 -8.02 0.19
N ASP A 72 5.60 -8.83 -0.56
CA ASP A 72 4.89 -8.33 -1.74
C ASP A 72 3.83 -7.30 -1.37
N PHE A 73 3.15 -7.54 -0.25
CA PHE A 73 2.14 -6.61 0.26
C PHE A 73 2.79 -5.27 0.63
N GLU A 74 3.86 -5.35 1.43
CA GLU A 74 4.53 -4.14 1.89
C GLU A 74 5.16 -3.39 0.70
N GLU A 75 5.68 -4.12 -0.28
CA GLU A 75 6.24 -3.50 -1.49
C GLU A 75 5.22 -2.60 -2.17
N ASP A 76 3.98 -3.07 -2.31
CA ASP A 76 2.97 -2.25 -2.96
C ASP A 76 2.55 -1.03 -2.12
N PHE A 77 2.46 -1.17 -0.81
CA PHE A 77 2.18 -0.02 0.05
C PHE A 77 3.29 1.00 -0.15
N ASN A 78 4.53 0.51 -0.20
CA ASN A 78 5.68 1.42 -0.36
C ASN A 78 5.68 2.16 -1.71
N LEU A 79 5.11 1.55 -2.74
CA LEU A 79 4.97 2.20 -4.06
C LEU A 79 3.99 3.36 -3.99
N ILE A 80 2.89 3.19 -3.24
CA ILE A 80 1.93 4.28 -3.07
C ILE A 80 2.66 5.52 -2.59
N VAL A 81 3.50 5.33 -1.58
CA VAL A 81 4.29 6.42 -1.00
C VAL A 81 5.36 6.94 -1.97
N SER A 82 6.20 6.04 -2.47
CA SER A 82 7.37 6.47 -3.24
C SER A 82 6.97 7.13 -4.57
N ASN A 83 5.92 6.61 -5.21
CA ASN A 83 5.41 7.22 -6.44
C ASN A 83 5.04 8.68 -6.20
N CYS A 84 4.37 8.93 -5.08
CA CYS A 84 3.90 10.26 -4.74
C CYS A 84 5.06 11.23 -4.41
N LEU A 85 6.07 10.72 -3.72
CA LEU A 85 7.24 11.53 -3.35
C LEU A 85 8.06 11.90 -4.58
N LYS A 86 8.01 11.07 -5.62
CA LYS A 86 8.74 11.37 -6.86
C LYS A 86 7.98 12.31 -7.77
N TYR A 87 6.72 12.01 -8.05
CA TYR A 87 5.95 12.80 -8.99
C TYR A 87 5.70 14.22 -8.47
N ASN A 88 5.43 14.35 -7.18
CA ASN A 88 5.11 15.64 -6.58
C ASN A 88 6.30 16.28 -5.86
N ALA A 89 6.39 17.61 -5.93
CA ALA A 89 7.52 18.32 -5.35
C ALA A 89 7.38 18.39 -3.83
N LYS A 90 8.52 18.52 -3.16
CA LYS A 90 8.57 18.45 -1.72
C LYS A 90 7.89 19.63 -1.02
N ASP A 91 7.61 20.70 -1.75
CA ASP A 91 6.83 21.84 -1.21
C ASP A 91 5.30 21.69 -1.37
N THR A 92 4.84 20.55 -1.87
CA THR A 92 3.40 20.32 -2.07
C THR A 92 2.75 19.57 -0.91
N ILE A 93 1.45 19.79 -0.76
CA ILE A 93 0.65 19.05 0.20
C ILE A 93 0.68 17.53 -0.10
N PHE A 94 0.59 17.14 -1.37
CA PHE A 94 0.55 15.71 -1.73
C PHE A 94 1.84 14.98 -1.32
N TYR A 95 2.98 15.62 -1.56
CA TYR A 95 4.24 15.06 -1.10
C TYR A 95 4.21 14.82 0.43
N ARG A 96 3.83 15.83 1.20
CA ARG A 96 3.80 15.71 2.66
C ARG A 96 2.79 14.66 3.11
N ALA A 97 1.67 14.55 2.41
CA ALA A 97 0.67 13.52 2.69
C ALA A 97 1.25 12.11 2.55
N ALA A 98 2.15 11.91 1.56
CA ALA A 98 2.85 10.64 1.39
C ALA A 98 3.84 10.39 2.53
N VAL A 99 4.54 11.43 2.96
CA VAL A 99 5.43 11.32 4.12
C VAL A 99 4.63 10.91 5.35
N ARG A 100 3.48 11.54 5.55
CA ARG A 100 2.63 11.25 6.70
C ARG A 100 2.09 9.82 6.64
N LEU A 101 1.71 9.37 5.45
CA LEU A 101 1.18 8.01 5.26
C LEU A 101 2.24 6.98 5.61
N ARG A 102 3.48 7.20 5.17
CA ARG A 102 4.58 6.30 5.49
C ARG A 102 4.79 6.24 7.00
N GLU A 103 4.75 7.39 7.66
CA GLU A 103 4.92 7.47 9.11
C GLU A 103 3.85 6.68 9.84
N GLN A 104 2.59 6.93 9.50
CA GLN A 104 1.48 6.25 10.15
C GLN A 104 1.41 4.77 9.78
N GLY A 105 1.87 4.41 8.59
CA GLY A 105 1.87 3.00 8.16
C GLY A 105 2.89 2.14 8.88
N GLY A 106 3.98 2.77 9.33
CA GLY A 106 5.12 2.10 9.93
C GLY A 106 4.80 1.08 11.01
N ALA A 107 4.20 1.53 12.11
CA ALA A 107 3.90 0.63 13.23
C ALA A 107 2.88 -0.43 12.80
N VAL A 108 1.92 -0.04 11.96
CA VAL A 108 0.91 -0.97 11.44
C VAL A 108 1.57 -2.16 10.74
N LEU A 109 2.48 -1.86 9.83
CA LEU A 109 3.17 -2.89 9.06
C LEU A 109 4.12 -3.72 9.91
N ARG A 110 4.86 -3.09 10.81
CA ARG A 110 5.79 -3.84 11.66
C ARG A 110 5.06 -4.85 12.53
N GLN A 111 3.98 -4.43 13.18
CA GLN A 111 3.18 -5.32 14.02
C GLN A 111 2.50 -6.42 13.21
N ALA A 112 2.01 -6.08 12.02
CA ALA A 112 1.38 -7.06 11.15
C ALA A 112 2.36 -8.13 10.67
N ARG A 113 3.59 -7.73 10.33
CA ARG A 113 4.59 -8.70 9.89
C ARG A 113 4.95 -9.64 11.04
N ARG A 114 5.07 -9.10 12.24
CA ARG A 114 5.37 -9.91 13.42
C ARG A 114 4.32 -11.00 13.61
N GLN A 115 3.05 -10.66 13.35
CA GLN A 115 1.96 -11.65 13.44
C GLN A 115 2.05 -12.69 12.32
N ALA A 116 2.42 -12.24 11.13
CA ALA A 116 2.57 -13.13 9.96
C ALA A 116 3.72 -14.13 10.17
N GLU A 117 4.76 -13.70 10.90
CA GLU A 117 5.86 -14.57 11.34
C GLU A 117 5.56 -15.37 12.62
N LYS A 118 4.42 -15.10 13.24
CA LYS A 118 3.97 -15.80 14.46
C LYS A 118 4.97 -15.70 15.60
C01 8VI B . -6.22 13.71 -10.98
C01 8VI B . -6.64 13.72 -11.06
C05 8VI B . -6.80 13.83 -9.61
C05 8VI B . -6.98 13.60 -9.59
N08 8VI B . -5.87 14.49 -8.69
N08 8VI B . -5.99 14.25 -8.76
C09 8VI B . -5.94 15.84 -8.52
C09 8VI B . -6.03 15.60 -8.60
O10 8VI B . -5.17 16.44 -7.79
O10 8VI B . -5.22 16.19 -7.91
C11 8VI B . -7.01 16.57 -9.29
C11 8VI B . -7.14 16.35 -9.28
C12 8VI B . -6.75 17.01 -10.58
C12 8VI B . -8.42 16.31 -8.75
C14 8VI B . -7.72 17.69 -11.30
C14 8VI B . -9.45 17.00 -9.35
C16 8VI B . -8.95 17.94 -10.73
C16 8VI B . -9.22 17.75 -10.50
C18 8VI B . -9.23 17.51 -9.45
C18 8VI B . -7.95 17.81 -11.04
C20 8VI B . -8.26 16.83 -8.73
C20 8VI B . -6.91 17.12 -10.43
O21 8VI B . -8.46 16.39 -7.45
O21 8VI B . -5.62 17.11 -10.90
C22 8VI B . -9.36 17.11 -6.63
C22 8VI B . -5.43 17.29 -12.30
C26 8VI B . -4.87 13.68 -8.06
C26 8VI B . -4.95 13.47 -8.15
C27 8VI B . -3.54 13.79 -8.48
C27 8VI B . -3.63 13.60 -8.59
C29 8VI B . -2.58 13.03 -7.86
C29 8VI B . -2.64 12.86 -7.98
N30 8VI B . -1.20 12.93 -8.06
N30 8VI B . -1.27 12.77 -8.22
C31 8VI B . -0.41 13.65 -9.05
C31 8VI B . -0.52 13.50 -9.24
C35 8VI B . -0.67 12.01 -7.17
C35 8VI B . -0.71 11.89 -7.31
O36 8VI B . 0.49 11.67 -7.08
O36 8VI B . 0.47 11.58 -7.24
N37 8VI B . -1.73 11.53 -6.43
N37 8VI B . -1.75 11.41 -6.53
C38 8VI B . -1.60 10.54 -5.36
C38 8VI B . -1.58 10.44 -5.45
C42 8VI B . -2.90 12.15 -6.83
C42 8VI B . -2.95 12.01 -6.93
C43 8VI B . -4.21 12.04 -6.39
C43 8VI B . -4.23 11.88 -6.46
C45 8VI B . -5.21 12.80 -7.01
C45 8VI B . -5.25 12.61 -7.08
N46 8VI B . -6.54 12.73 -6.59
N46 8VI B . -6.58 12.52 -6.62
C47 8VI B . -6.99 13.80 -5.70
C47 8VI B . -7.01 13.61 -5.73
C50 8VI B . -8.47 13.77 -5.49
C50 8VI B . -8.50 13.60 -5.54
N53 8VI B . -8.88 12.45 -4.98
N53 8VI B . -8.94 12.28 -5.05
C55 8VI B . -8.51 11.40 -5.93
C55 8VI B . -8.55 11.22 -5.99
C58 8VI B . -7.02 11.39 -6.21
C58 8VI B . -7.07 11.20 -6.24
C60 8VI B . -6.69 10.32 -7.24
C60 8VI B . -6.72 10.12 -7.24
C1 EDO C . 12.67 -6.45 -0.31
O1 EDO C . 12.37 -5.06 -0.23
C2 EDO C . 11.70 -7.14 -1.26
O2 EDO C . 11.54 -6.38 -2.46
#